data_3TYB
#
_entry.id   3TYB
#
_cell.length_a   98.676
_cell.length_b   98.676
_cell.length_c   264.297
_cell.angle_alpha   90.000
_cell.angle_beta   90.000
_cell.angle_gamma   120.000
#
_symmetry.space_group_name_H-M   'P 62 2 2'
#
loop_
_entity.id
_entity.type
_entity.pdbx_description
1 polymer 'Dihydropteroate synthase'
2 non-polymer 2-amino-6-methylidene-6,7-dihydropteridin-4(3H)-one
3 non-polymer 'P-HYDROXYBENZOIC ACID'
4 non-polymer 'SULFATE ION'
5 water water
#
_entity_poly.entity_id   1
_entity_poly.type   'polypeptide(L)'
_entity_poly.pdbx_seq_one_letter_code
;MGSSHHHHHHSSGLVPRGSHMKWDYDLRCGEYTLNLNEKTLIMGILNVTPDSFSDGGSYNEVDAAVRHAKEMRDEGAHII
DIGGESTRPGFAKVSVEEEIKRVVPMIQAVSKEVKLPISIDTYKAEVAKQAIEAGAHIINDIWGAKAEPKIAEVAAHYDV
PIILMHNRDNMNYRNLMADMIADLYDSIKIAKDAGVRDENIILDPGIGFAKTPEQNLEAMRNLEQLNVLGYPVLLGTSRK
SFIGHVLDLPVEERLEGTGATVCLGIEKGCEFVRVHDVKEMSRMAKMMDAMIGKGVK
;
_entity_poly.pdbx_strand_id   A,B
#
loop_
_chem_comp.id
_chem_comp.type
_chem_comp.name
_chem_comp.formula
PHB non-polymer 'P-HYDROXYBENZOIC ACID' 'C7 H6 O3'
SO4 non-polymer 'SULFATE ION' 'O4 S -2'
XHP non-polymer 2-amino-6-methylidene-6,7-dihydropteridin-4(3H)-one 'C7 H7 N5 O'
#
# COMPACT_ATOMS: atom_id res chain seq x y z
N MET A 21 -42.71 -0.89 7.36
CA MET A 21 -41.66 -1.53 6.49
C MET A 21 -42.17 -1.60 5.04
N LYS A 22 -41.60 -0.79 4.14
CA LYS A 22 -41.94 -0.90 2.71
C LYS A 22 -41.32 -2.17 2.13
N TRP A 23 -40.16 -2.56 2.68
CA TRP A 23 -39.40 -3.65 2.09
C TRP A 23 -39.42 -4.83 3.04
N ASP A 24 -39.90 -5.96 2.54
CA ASP A 24 -40.05 -7.18 3.33
C ASP A 24 -38.85 -8.12 3.17
N TYR A 25 -37.76 -7.58 2.63
CA TYR A 25 -36.52 -8.31 2.43
C TYR A 25 -35.31 -7.38 2.62
N ASP A 26 -34.18 -7.96 3.05
CA ASP A 26 -32.89 -7.25 3.14
C ASP A 26 -32.10 -7.49 1.86
N LEU A 27 -31.12 -6.65 1.60
CA LEU A 27 -30.21 -6.90 0.49
C LEU A 27 -29.02 -7.74 0.93
N ARG A 28 -28.94 -8.92 0.34
CA ARG A 28 -27.91 -9.89 0.65
C ARG A 28 -26.67 -9.67 -0.21
N CYS A 29 -25.53 -9.45 0.45
CA CYS A 29 -24.25 -9.22 -0.24
C CYS A 29 -23.16 -10.07 0.37
N GLY A 30 -23.26 -11.38 0.21
CA GLY A 30 -22.27 -12.29 0.78
C GLY A 30 -22.19 -12.05 2.27
N GLU A 31 -20.98 -11.76 2.76
CA GLU A 31 -20.77 -11.56 4.19
C GLU A 31 -21.63 -10.43 4.80
N TYR A 32 -21.80 -9.32 4.09
CA TYR A 32 -22.59 -8.19 4.61
C TYR A 32 -24.05 -8.19 4.14
N THR A 33 -24.92 -7.61 4.95
CA THR A 33 -26.36 -7.52 4.64
C THR A 33 -26.87 -6.10 4.83
N LEU A 34 -27.56 -5.57 3.83
CA LEU A 34 -27.99 -4.18 3.88
C LEU A 34 -29.49 -4.01 4.02
N ASN A 35 -29.92 -3.39 5.11
CA ASN A 35 -31.33 -3.10 5.38
C ASN A 35 -31.86 -1.85 4.65
N LEU A 36 -33.10 -1.95 4.17
CA LEU A 36 -33.65 -0.90 3.31
C LEU A 36 -34.66 -0.01 4.01
N ASN A 37 -35.03 -0.36 5.23
CA ASN A 37 -36.04 0.42 5.97
C ASN A 37 -35.42 1.45 6.91
N GLU A 38 -34.25 1.12 7.45
CA GLU A 38 -33.59 1.88 8.50
C GLU A 38 -33.05 3.28 8.13
N LYS A 39 -32.24 3.37 7.08
CA LYS A 39 -31.67 4.66 6.67
C LYS A 39 -31.42 4.67 5.19
N THR A 40 -31.42 5.86 4.57
CA THR A 40 -30.88 6.03 3.23
C THR A 40 -29.40 5.62 3.23
N LEU A 41 -29.05 4.68 2.34
CA LEU A 41 -27.72 4.08 2.28
C LEU A 41 -26.82 4.86 1.34
N ILE A 42 -25.57 5.08 1.72
CA ILE A 42 -24.67 5.99 1.01
C ILE A 42 -23.66 5.15 0.25
N MET A 43 -23.54 5.42 -1.05
CA MET A 43 -22.51 4.77 -1.84
C MET A 43 -21.43 5.77 -2.12
N GLY A 44 -20.21 5.45 -1.68
CA GLY A 44 -19.09 6.38 -1.79
C GLY A 44 -18.31 6.11 -3.04
N ILE A 45 -18.17 7.10 -3.91
CA ILE A 45 -17.42 6.94 -5.14
C ILE A 45 -15.91 6.84 -4.90
N LEU A 46 -15.34 5.69 -5.29
CA LEU A 46 -13.90 5.53 -5.34
C LEU A 46 -13.38 5.70 -6.78
N ASN A 47 -12.51 6.70 -6.91
CA ASN A 47 -12.12 7.35 -8.18
C ASN A 47 -11.36 6.50 -9.24
N VAL A 48 -10.11 6.12 -8.91
CA VAL A 48 -9.22 5.26 -9.73
C VAL A 48 -8.01 5.96 -10.41
N THR A 49 -7.52 7.07 -9.85
CA THR A 49 -6.35 7.78 -10.43
C THR A 49 -5.21 6.81 -10.81
N PRO A 50 -4.94 6.63 -12.12
CA PRO A 50 -3.91 5.68 -12.55
C PRO A 50 -2.50 6.29 -12.67
N SER A 54 2.57 3.99 -14.32
CA SER A 54 1.12 3.91 -14.43
C SER A 54 0.65 2.62 -15.13
N ASP A 55 1.44 1.55 -14.97
CA ASP A 55 1.23 0.25 -15.63
C ASP A 55 -0.04 -0.53 -15.20
N GLY A 56 -0.33 -0.53 -13.90
CA GLY A 56 -1.53 -1.18 -13.34
C GLY A 56 -1.25 -2.10 -12.17
N GLY A 57 -1.42 -1.58 -10.94
CA GLY A 57 -1.27 -2.39 -9.72
C GLY A 57 -0.17 -1.99 -8.74
N SER A 58 0.64 -1.00 -9.13
CA SER A 58 1.77 -0.52 -8.34
C SER A 58 1.32 -0.02 -6.96
N TYR A 59 2.30 0.31 -6.12
CA TYR A 59 2.04 0.65 -4.70
C TYR A 59 1.20 1.93 -4.48
N ASN A 60 1.57 3.02 -5.24
CA ASN A 60 0.93 4.34 -5.05
C ASN A 60 -0.55 4.34 -5.39
N GLU A 61 -0.87 3.62 -6.45
CA GLU A 61 -2.23 3.51 -6.93
C GLU A 61 -3.09 2.84 -5.86
N VAL A 62 -2.79 1.57 -5.56
CA VAL A 62 -3.63 0.77 -4.66
C VAL A 62 -3.60 1.34 -3.21
N ASP A 63 -2.48 1.98 -2.82
CA ASP A 63 -2.37 2.61 -1.49
C ASP A 63 -3.38 3.76 -1.39
N ALA A 64 -3.31 4.70 -2.34
CA ALA A 64 -4.17 5.87 -2.35
C ALA A 64 -5.64 5.49 -2.42
N ALA A 65 -5.93 4.39 -3.08
CA ALA A 65 -7.30 3.90 -3.19
C ALA A 65 -7.77 3.40 -1.84
N VAL A 66 -6.88 2.72 -1.13
CA VAL A 66 -7.25 2.11 0.14
C VAL A 66 -7.54 3.14 1.21
N ARG A 67 -6.73 4.18 1.32
CA ARG A 67 -6.96 5.12 2.41
C ARG A 67 -8.15 6.00 2.09
N HIS A 68 -8.53 6.04 0.82
CA HIS A 68 -9.69 6.80 0.40
C HIS A 68 -10.93 6.03 0.76
N ALA A 69 -10.86 4.72 0.63
CA ALA A 69 -11.98 3.88 1.01
C ALA A 69 -12.08 3.87 2.51
N LYS A 70 -10.94 3.86 3.19
CA LYS A 70 -10.93 3.88 4.65
C LYS A 70 -11.59 5.16 5.13
N GLU A 71 -11.23 6.27 4.50
CA GLU A 71 -11.75 7.58 4.87
C GLU A 71 -13.26 7.64 4.68
N MET A 72 -13.76 7.00 3.62
CA MET A 72 -15.16 7.07 3.33
C MET A 72 -15.96 6.22 4.27
N ARG A 73 -15.35 5.11 4.72
CA ARG A 73 -15.98 4.24 5.71
C ARG A 73 -16.16 5.08 6.96
N ASP A 74 -15.14 5.87 7.28
CA ASP A 74 -15.10 6.66 8.49
C ASP A 74 -16.13 7.80 8.54
N GLU A 75 -16.63 8.19 7.38
CA GLU A 75 -17.45 9.37 7.26
C GLU A 75 -18.93 9.05 7.02
N GLY A 76 -19.28 7.76 7.05
CA GLY A 76 -20.67 7.33 7.03
C GLY A 76 -21.16 6.50 5.85
N ALA A 77 -20.21 6.05 5.02
CA ALA A 77 -20.53 5.28 3.79
C ALA A 77 -20.86 3.84 4.10
N HIS A 78 -21.80 3.30 3.32
CA HIS A 78 -22.27 1.94 3.49
C HIS A 78 -21.80 0.96 2.41
N ILE A 79 -21.47 1.50 1.23
CA ILE A 79 -20.93 0.74 0.10
C ILE A 79 -19.74 1.50 -0.53
N ILE A 80 -18.80 0.77 -1.14
CA ILE A 80 -17.72 1.38 -1.93
C ILE A 80 -17.85 1.01 -3.40
N ASP A 81 -17.92 2.02 -4.27
CA ASP A 81 -18.11 1.83 -5.71
C ASP A 81 -16.80 2.07 -6.49
N ILE A 82 -16.28 0.99 -7.06
CA ILE A 82 -14.97 1.05 -7.70
C ILE A 82 -15.10 1.00 -9.19
N GLY A 83 -14.69 2.09 -9.84
CA GLY A 83 -14.88 2.22 -11.27
C GLY A 83 -13.65 2.57 -12.09
N GLY A 84 -13.19 1.59 -12.89
CA GLY A 84 -12.34 1.85 -14.08
C GLY A 84 -13.14 2.68 -15.09
N GLU A 85 -12.44 3.51 -15.88
CA GLU A 85 -13.05 4.57 -16.69
C GLU A 85 -13.64 5.73 -15.85
N SER A 86 -14.53 6.48 -16.50
CA SER A 86 -15.16 7.74 -16.04
C SER A 86 -15.43 8.48 -17.36
N THR A 87 -15.78 9.78 -17.31
CA THR A 87 -16.14 10.53 -18.54
C THR A 87 -16.32 12.04 -18.35
N VAL A 94 -11.03 1.87 -23.63
CA VAL A 94 -9.79 1.23 -23.20
C VAL A 94 -9.94 -0.31 -23.16
N SER A 95 -8.80 -1.01 -23.20
CA SER A 95 -8.74 -2.48 -23.28
C SER A 95 -9.51 -3.21 -22.17
N VAL A 96 -10.34 -4.17 -22.60
CA VAL A 96 -11.03 -5.09 -21.70
C VAL A 96 -10.00 -5.87 -20.84
N GLU A 97 -8.94 -6.41 -21.49
CA GLU A 97 -7.90 -7.21 -20.84
C GLU A 97 -7.13 -6.42 -19.79
N GLU A 98 -7.05 -5.11 -20.01
CA GLU A 98 -6.30 -4.23 -19.13
C GLU A 98 -7.16 -3.62 -18.03
N GLU A 99 -8.44 -3.35 -18.33
CA GLU A 99 -9.41 -2.86 -17.32
C GLU A 99 -9.41 -3.80 -16.11
N ILE A 100 -9.29 -5.09 -16.37
CA ILE A 100 -9.21 -6.09 -15.31
C ILE A 100 -7.93 -5.95 -14.49
N LYS A 101 -6.79 -5.88 -15.18
CA LYS A 101 -5.48 -5.69 -14.54
C LYS A 101 -5.40 -4.41 -13.70
N ARG A 102 -6.18 -3.41 -14.07
CA ARG A 102 -6.29 -2.16 -13.31
C ARG A 102 -7.09 -2.37 -12.01
N VAL A 103 -8.28 -2.96 -12.17
CA VAL A 103 -9.33 -2.89 -11.17
C VAL A 103 -9.40 -4.12 -10.25
N VAL A 104 -8.90 -5.27 -10.71
CA VAL A 104 -8.86 -6.46 -9.87
C VAL A 104 -8.08 -6.19 -8.57
N PRO A 105 -6.81 -5.72 -8.67
CA PRO A 105 -5.97 -5.56 -7.47
C PRO A 105 -6.62 -4.60 -6.48
N MET A 106 -7.29 -3.59 -7.01
CA MET A 106 -7.98 -2.61 -6.19
C MET A 106 -9.00 -3.25 -5.26
N ILE A 107 -9.83 -4.15 -5.81
CA ILE A 107 -10.90 -4.80 -5.05
C ILE A 107 -10.35 -5.77 -3.99
N GLN A 108 -9.32 -6.54 -4.39
CA GLN A 108 -8.61 -7.44 -3.51
C GLN A 108 -8.14 -6.73 -2.23
N ALA A 109 -7.62 -5.51 -2.40
CA ALA A 109 -7.05 -4.76 -1.28
C ALA A 109 -8.11 -4.24 -0.34
N VAL A 110 -9.07 -3.50 -0.91
CA VAL A 110 -10.13 -2.84 -0.17
C VAL A 110 -11.02 -3.80 0.60
N SER A 111 -11.35 -4.94 0.01
CA SER A 111 -12.21 -5.89 0.67
C SER A 111 -11.48 -6.52 1.84
N LYS A 112 -10.15 -6.55 1.75
CA LYS A 112 -9.33 -7.09 2.81
C LYS A 112 -9.24 -6.07 3.94
N GLU A 113 -9.15 -4.79 3.58
CA GLU A 113 -8.83 -3.75 4.56
C GLU A 113 -9.98 -2.89 5.03
N VAL A 114 -11.12 -2.96 4.36
CA VAL A 114 -12.31 -2.20 4.74
C VAL A 114 -13.54 -3.11 4.73
N LYS A 115 -14.00 -3.47 5.92
CA LYS A 115 -15.18 -4.35 6.05
C LYS A 115 -16.48 -3.65 5.64
N LEU A 116 -16.84 -3.77 4.35
CA LEU A 116 -17.91 -3.01 3.69
C LEU A 116 -18.08 -3.55 2.28
N PRO A 117 -19.32 -3.70 1.77
CA PRO A 117 -19.53 -4.29 0.44
C PRO A 117 -19.02 -3.41 -0.69
N ILE A 118 -18.49 -4.05 -1.73
CA ILE A 118 -17.93 -3.31 -2.85
C ILE A 118 -18.79 -3.59 -4.05
N SER A 119 -19.12 -2.54 -4.79
CA SER A 119 -19.77 -2.67 -6.08
C SER A 119 -18.78 -2.33 -7.17
N ILE A 120 -19.01 -2.87 -8.37
CA ILE A 120 -18.07 -2.74 -9.47
C ILE A 120 -18.74 -2.03 -10.65
N ASP A 121 -18.17 -0.91 -11.06
CA ASP A 121 -18.79 -0.03 -12.03
C ASP A 121 -18.33 -0.40 -13.42
N THR A 122 -18.93 -1.43 -14.00
CA THR A 122 -18.62 -1.81 -15.37
C THR A 122 -19.91 -2.17 -16.10
N TYR A 123 -19.85 -2.24 -17.43
CA TYR A 123 -20.93 -2.84 -18.23
C TYR A 123 -20.47 -4.17 -18.84
N LYS A 124 -19.17 -4.38 -18.84
CA LYS A 124 -18.54 -5.50 -19.54
C LYS A 124 -18.62 -6.81 -18.75
N ALA A 125 -19.06 -7.87 -19.43
CA ALA A 125 -19.37 -9.16 -18.78
C ALA A 125 -18.15 -9.77 -18.10
N GLU A 126 -17.07 -9.89 -18.87
CA GLU A 126 -15.83 -10.46 -18.38
C GLU A 126 -15.26 -9.70 -17.18
N VAL A 127 -15.38 -8.38 -17.22
CA VAL A 127 -14.84 -7.55 -16.14
C VAL A 127 -15.52 -7.89 -14.81
N ALA A 128 -16.84 -7.96 -14.81
CA ALA A 128 -17.62 -8.22 -13.61
C ALA A 128 -17.27 -9.56 -12.94
N LYS A 129 -17.28 -10.63 -13.73
CA LYS A 129 -16.85 -11.94 -13.26
C LYS A 129 -15.52 -11.90 -12.47
N GLN A 130 -14.52 -11.21 -13.03
CA GLN A 130 -13.22 -11.06 -12.38
C GLN A 130 -13.33 -10.42 -11.01
N ALA A 131 -14.13 -9.34 -10.97
CA ALA A 131 -14.32 -8.48 -9.80
C ALA A 131 -15.02 -9.19 -8.66
N ILE A 132 -16.14 -9.85 -8.94
CA ILE A 132 -16.79 -10.64 -7.91
C ILE A 132 -15.84 -11.71 -7.36
N GLU A 133 -15.05 -12.32 -8.24
CA GLU A 133 -14.08 -13.29 -7.79
C GLU A 133 -12.85 -12.67 -7.17
N ALA A 134 -12.62 -11.39 -7.43
CA ALA A 134 -11.59 -10.67 -6.71
C ALA A 134 -12.11 -10.28 -5.35
N GLY A 135 -13.43 -10.12 -5.21
CA GLY A 135 -14.04 -9.78 -3.93
C GLY A 135 -15.31 -8.92 -3.97
N ALA A 136 -15.61 -8.28 -5.10
CA ALA A 136 -16.75 -7.39 -5.25
C ALA A 136 -18.10 -8.06 -4.96
N HIS A 137 -19.09 -7.27 -4.53
CA HIS A 137 -20.37 -7.81 -4.04
C HIS A 137 -21.61 -7.44 -4.84
N ILE A 138 -21.52 -6.38 -5.63
CA ILE A 138 -22.67 -5.84 -6.35
C ILE A 138 -22.20 -5.44 -7.72
N ILE A 139 -23.02 -5.66 -8.75
CA ILE A 139 -22.67 -5.15 -10.05
C ILE A 139 -23.37 -3.82 -10.25
N ASN A 140 -22.67 -2.89 -10.88
CA ASN A 140 -23.21 -1.58 -11.19
C ASN A 140 -23.02 -1.27 -12.68
N ASP A 141 -24.06 -1.53 -13.48
CA ASP A 141 -23.98 -1.49 -14.95
C ASP A 141 -24.65 -0.26 -15.54
N ILE A 142 -23.86 0.64 -16.12
CA ILE A 142 -24.40 1.93 -16.57
C ILE A 142 -25.11 1.83 -17.91
N TRP A 143 -25.17 0.61 -18.45
CA TRP A 143 -25.96 0.36 -19.64
C TRP A 143 -27.08 -0.67 -19.41
N GLY A 144 -27.52 -0.83 -18.17
CA GLY A 144 -28.65 -1.70 -17.83
C GLY A 144 -28.76 -2.99 -18.63
N ALA A 145 -27.67 -3.75 -18.69
CA ALA A 145 -27.58 -5.04 -19.39
C ALA A 145 -27.84 -5.00 -20.90
N LYS A 146 -27.98 -3.80 -21.44
CA LYS A 146 -28.11 -3.63 -22.88
C LYS A 146 -26.76 -3.58 -23.62
N ALA A 147 -25.72 -3.09 -22.94
CA ALA A 147 -24.36 -3.06 -23.48
C ALA A 147 -23.82 -4.46 -23.77
N GLU A 148 -23.85 -5.34 -22.76
CA GLU A 148 -23.45 -6.73 -22.94
C GLU A 148 -24.41 -7.66 -22.21
N PRO A 149 -25.49 -8.11 -22.89
CA PRO A 149 -26.57 -8.88 -22.24
C PRO A 149 -25.99 -9.93 -21.31
N LYS A 150 -24.93 -10.57 -21.78
CA LYS A 150 -24.19 -11.59 -21.06
C LYS A 150 -23.82 -11.20 -19.62
N ILE A 151 -23.87 -9.91 -19.29
CA ILE A 151 -23.54 -9.48 -17.93
C ILE A 151 -24.58 -10.04 -16.95
N ALA A 152 -25.85 -9.87 -17.29
CA ALA A 152 -26.95 -10.25 -16.41
C ALA A 152 -26.84 -11.71 -15.98
N GLU A 153 -26.39 -12.55 -16.92
CA GLU A 153 -26.08 -13.96 -16.65
C GLU A 153 -25.02 -14.14 -15.54
N VAL A 154 -23.93 -13.37 -15.62
CA VAL A 154 -22.91 -13.41 -14.57
C VAL A 154 -23.60 -13.09 -13.24
N ALA A 155 -24.26 -11.94 -13.16
CA ALA A 155 -25.03 -11.55 -11.98
C ALA A 155 -25.92 -12.69 -11.48
N ALA A 156 -26.60 -13.35 -12.42
CA ALA A 156 -27.41 -14.52 -12.12
C ALA A 156 -26.54 -15.64 -11.52
N HIS A 157 -25.45 -15.99 -12.21
CA HIS A 157 -24.58 -17.12 -11.84
C HIS A 157 -23.92 -16.95 -10.47
N TYR A 158 -23.55 -15.72 -10.14
CA TYR A 158 -22.88 -15.43 -8.86
C TYR A 158 -23.85 -14.96 -7.78
N ASP A 159 -25.09 -14.70 -8.19
CA ASP A 159 -26.17 -14.40 -7.26
C ASP A 159 -25.99 -13.03 -6.58
N VAL A 160 -25.31 -12.11 -7.25
CA VAL A 160 -25.09 -10.78 -6.68
C VAL A 160 -26.17 -9.79 -7.09
N PRO A 161 -26.36 -8.74 -6.28
CA PRO A 161 -27.32 -7.71 -6.62
C PRO A 161 -26.80 -6.86 -7.75
N ILE A 162 -27.59 -6.65 -8.79
CA ILE A 162 -27.16 -5.82 -9.92
C ILE A 162 -27.94 -4.50 -10.04
N ILE A 163 -27.22 -3.39 -10.23
CA ILE A 163 -27.86 -2.08 -10.47
C ILE A 163 -28.03 -1.84 -11.98
N LEU A 164 -29.26 -1.55 -12.40
CA LEU A 164 -29.58 -1.34 -13.80
C LEU A 164 -29.90 0.12 -14.07
N MET A 165 -29.01 0.79 -14.78
CA MET A 165 -29.14 2.22 -14.97
C MET A 165 -29.80 2.50 -16.30
N HIS A 166 -30.58 3.57 -16.35
CA HIS A 166 -31.17 3.97 -17.58
C HIS A 166 -30.14 4.70 -18.45
N ASN A 167 -30.03 4.24 -19.69
CA ASN A 167 -29.13 4.81 -20.66
C ASN A 167 -29.67 4.48 -22.06
N ARG A 168 -29.08 5.07 -23.09
CA ARG A 168 -29.47 4.87 -24.50
C ARG A 168 -28.62 5.78 -25.36
N ASP A 169 -28.33 5.37 -26.59
CA ASP A 169 -27.35 6.09 -27.40
C ASP A 169 -27.91 7.27 -28.17
N ASN A 170 -29.08 7.75 -27.75
CA ASN A 170 -29.77 8.88 -28.39
C ASN A 170 -30.57 9.59 -27.32
N MET A 171 -31.13 10.76 -27.64
CA MET A 171 -31.85 11.56 -26.64
C MET A 171 -33.22 12.00 -27.17
N ASN A 172 -33.76 11.24 -28.12
CA ASN A 172 -35.00 11.62 -28.74
C ASN A 172 -36.19 10.98 -28.03
N TYR A 173 -36.59 11.57 -26.91
CA TYR A 173 -37.74 11.07 -26.17
C TYR A 173 -39.06 11.60 -26.71
N ARG A 174 -40.04 10.70 -26.80
CA ARG A 174 -41.43 11.09 -26.96
C ARG A 174 -41.88 11.65 -25.61
N ASN A 175 -41.82 10.83 -24.56
CA ASN A 175 -42.15 11.29 -23.21
C ASN A 175 -41.13 10.81 -22.18
N LEU A 176 -40.37 11.77 -21.64
CA LEU A 176 -39.16 11.45 -20.87
C LEU A 176 -39.42 10.31 -19.88
N MET A 177 -40.25 10.57 -18.88
CA MET A 177 -40.51 9.61 -17.82
C MET A 177 -41.16 8.31 -18.30
N ALA A 178 -42.09 8.43 -19.23
CA ALA A 178 -42.76 7.27 -19.76
C ALA A 178 -41.76 6.35 -20.44
N ASP A 179 -40.86 6.94 -21.22
CA ASP A 179 -39.76 6.22 -21.89
C ASP A 179 -38.72 5.71 -20.90
N MET A 180 -38.35 6.48 -19.88
CA MET A 180 -37.41 5.96 -18.89
C MET A 180 -37.87 4.61 -18.36
N ILE A 181 -39.02 4.63 -17.69
CA ILE A 181 -39.68 3.46 -17.16
C ILE A 181 -39.75 2.32 -18.19
N ALA A 182 -40.24 2.62 -19.40
CA ALA A 182 -40.15 1.66 -20.50
C ALA A 182 -38.73 1.02 -20.63
N ASP A 183 -37.68 1.84 -20.80
CA ASP A 183 -36.33 1.34 -21.09
C ASP A 183 -35.79 0.61 -19.91
N LEU A 184 -36.11 1.13 -18.72
CA LEU A 184 -35.78 0.42 -17.52
C LEU A 184 -36.42 -0.96 -17.50
N TYR A 185 -37.65 -1.11 -17.99
CA TYR A 185 -38.28 -2.42 -18.03
CA TYR A 185 -38.27 -2.44 -18.00
C TYR A 185 -37.56 -3.40 -18.96
N ASP A 186 -37.17 -2.92 -20.13
CA ASP A 186 -36.44 -3.74 -21.06
C ASP A 186 -35.14 -4.22 -20.40
N SER A 187 -34.63 -3.44 -19.45
CA SER A 187 -33.49 -3.89 -18.65
C SER A 187 -33.89 -5.04 -17.75
N ILE A 188 -34.98 -4.86 -17.00
CA ILE A 188 -35.48 -5.92 -16.11
C ILE A 188 -35.80 -7.21 -16.87
N LYS A 189 -36.41 -7.08 -18.05
CA LYS A 189 -36.67 -8.23 -18.92
C LYS A 189 -35.40 -9.08 -19.12
N ILE A 190 -34.28 -8.44 -19.42
CA ILE A 190 -33.03 -9.14 -19.71
C ILE A 190 -32.45 -9.74 -18.44
N ALA A 191 -32.49 -8.95 -17.37
CA ALA A 191 -32.08 -9.45 -16.07
C ALA A 191 -32.88 -10.70 -15.68
N LYS A 192 -34.20 -10.62 -15.78
CA LYS A 192 -35.06 -11.68 -15.28
C LYS A 192 -34.97 -12.96 -16.09
N ASP A 193 -34.97 -12.83 -17.42
CA ASP A 193 -34.75 -13.94 -18.32
C ASP A 193 -33.39 -14.58 -18.13
N ALA A 194 -32.45 -13.83 -17.55
CA ALA A 194 -31.11 -14.36 -17.28
C ALA A 194 -31.06 -15.24 -16.03
N GLY A 195 -32.04 -15.09 -15.15
CA GLY A 195 -32.04 -15.81 -13.85
C GLY A 195 -31.99 -14.89 -12.63
N VAL A 196 -31.75 -13.60 -12.86
CA VAL A 196 -31.75 -12.61 -11.81
C VAL A 196 -33.09 -12.63 -11.05
N ARG A 197 -33.04 -12.89 -9.74
CA ARG A 197 -34.22 -12.82 -8.85
C ARG A 197 -34.65 -11.37 -8.61
N ASP A 198 -35.95 -11.16 -8.42
CA ASP A 198 -36.48 -9.80 -8.18
C ASP A 198 -35.69 -9.14 -7.03
N GLU A 199 -35.22 -9.96 -6.09
CA GLU A 199 -34.64 -9.44 -4.86
C GLU A 199 -33.22 -8.91 -5.00
N ASN A 200 -32.59 -9.16 -6.14
CA ASN A 200 -31.27 -8.61 -6.40
C ASN A 200 -31.30 -7.50 -7.45
N ILE A 201 -32.41 -6.76 -7.56
CA ILE A 201 -32.50 -5.77 -8.62
C ILE A 201 -32.70 -4.37 -8.06
N ILE A 202 -31.81 -3.48 -8.44
CA ILE A 202 -31.91 -2.11 -8.03
C ILE A 202 -31.95 -1.30 -9.33
N LEU A 203 -32.65 -0.17 -9.31
CA LEU A 203 -32.83 0.63 -10.51
C LEU A 203 -32.20 1.99 -10.32
N ASP A 204 -31.89 2.66 -11.42
CA ASP A 204 -31.23 3.96 -11.37
C ASP A 204 -31.74 4.80 -12.53
N PRO A 205 -32.26 5.99 -12.25
CA PRO A 205 -32.76 6.83 -13.33
C PRO A 205 -31.67 7.28 -14.32
N GLY A 206 -30.39 7.12 -13.96
CA GLY A 206 -29.30 7.51 -14.83
C GLY A 206 -29.22 9.00 -15.07
N ILE A 207 -29.11 9.77 -14.00
CA ILE A 207 -28.93 11.22 -14.09
C ILE A 207 -27.60 11.53 -14.77
N GLY A 208 -27.63 12.43 -15.76
CA GLY A 208 -26.46 12.80 -16.53
C GLY A 208 -26.26 12.02 -17.81
N PHE A 209 -26.94 10.88 -17.91
CA PHE A 209 -26.83 9.99 -19.07
C PHE A 209 -27.97 10.11 -20.04
N ALA A 210 -27.64 10.49 -21.27
CA ALA A 210 -28.60 10.64 -22.39
C ALA A 210 -29.78 11.60 -22.13
N LYS A 211 -29.50 12.63 -21.33
CA LYS A 211 -30.50 13.62 -20.91
C LYS A 211 -29.91 15.03 -20.95
N THR A 212 -30.65 15.98 -21.49
CA THR A 212 -30.24 17.39 -21.45
C THR A 212 -30.27 17.95 -20.02
N PRO A 213 -29.62 19.11 -19.78
CA PRO A 213 -29.73 19.72 -18.45
C PRO A 213 -31.20 19.90 -18.04
N GLU A 214 -32.05 20.24 -18.99
CA GLU A 214 -33.46 20.40 -18.69
C GLU A 214 -34.13 19.07 -18.42
N GLN A 215 -33.73 18.02 -19.16
CA GLN A 215 -34.33 16.70 -18.95
C GLN A 215 -33.98 16.11 -17.60
N ASN A 216 -32.73 16.30 -17.16
CA ASN A 216 -32.27 15.90 -15.80
C ASN A 216 -33.06 16.52 -14.69
N LEU A 217 -33.35 17.84 -14.78
CA LEU A 217 -34.28 18.52 -13.86
C LEU A 217 -35.65 17.83 -13.81
N GLU A 218 -36.18 17.46 -14.97
CA GLU A 218 -37.47 16.76 -15.03
C GLU A 218 -37.44 15.35 -14.40
N ALA A 219 -36.37 14.60 -14.61
CA ALA A 219 -36.33 13.27 -14.02
C ALA A 219 -36.31 13.42 -12.52
N MET A 220 -35.57 14.44 -12.04
CA MET A 220 -35.51 14.76 -10.63
C MET A 220 -36.92 15.11 -10.14
N ARG A 221 -37.62 15.92 -10.92
CA ARG A 221 -38.95 16.35 -10.55
C ARG A 221 -39.94 15.16 -10.41
N ASN A 222 -39.74 14.06 -11.14
CA ASN A 222 -40.76 13.02 -11.23
C ASN A 222 -40.18 11.68 -10.89
N LEU A 223 -39.25 11.72 -9.93
CA LEU A 223 -38.43 10.60 -9.54
C LEU A 223 -39.28 9.56 -8.83
N GLU A 224 -40.36 10.01 -8.21
CA GLU A 224 -41.29 9.11 -7.49
C GLU A 224 -41.90 8.03 -8.38
N GLN A 225 -42.15 8.35 -9.65
CA GLN A 225 -42.68 7.40 -10.63
C GLN A 225 -41.90 6.08 -10.73
N LEU A 226 -40.58 6.12 -10.60
CA LEU A 226 -39.80 4.89 -10.69
C LEU A 226 -40.26 3.88 -9.65
N ASN A 227 -40.86 4.37 -8.58
CA ASN A 227 -41.37 3.53 -7.51
C ASN A 227 -42.46 2.56 -7.93
N VAL A 228 -43.20 2.89 -8.96
CA VAL A 228 -44.26 1.97 -9.34
C VAL A 228 -43.70 0.67 -9.87
N LEU A 229 -42.42 0.62 -10.20
CA LEU A 229 -41.86 -0.65 -10.68
C LEU A 229 -41.60 -1.66 -9.55
N GLY A 230 -41.71 -1.21 -8.29
CA GLY A 230 -41.48 -2.08 -7.11
C GLY A 230 -40.06 -2.54 -6.77
N TYR A 231 -39.04 -1.78 -7.21
CA TYR A 231 -37.63 -2.08 -6.87
C TYR A 231 -36.95 -0.93 -6.16
N PRO A 232 -35.93 -1.26 -5.37
CA PRO A 232 -35.11 -0.23 -4.76
C PRO A 232 -34.46 0.62 -5.85
N VAL A 233 -34.30 1.90 -5.53
CA VAL A 233 -33.78 2.85 -6.48
C VAL A 233 -32.53 3.52 -5.91
N LEU A 234 -31.52 3.66 -6.77
CA LEU A 234 -30.27 4.30 -6.40
C LEU A 234 -30.14 5.54 -7.28
N LEU A 235 -29.68 6.65 -6.69
CA LEU A 235 -29.62 7.92 -7.40
C LEU A 235 -28.21 8.48 -7.43
N GLY A 236 -27.70 8.73 -8.63
CA GLY A 236 -26.35 9.24 -8.77
C GLY A 236 -26.30 10.59 -9.43
N THR A 237 -26.19 11.65 -8.64
CA THR A 237 -26.16 12.99 -9.19
C THR A 237 -24.90 13.72 -8.73
N SER A 238 -24.04 13.02 -7.99
CA SER A 238 -22.94 13.67 -7.29
C SER A 238 -22.17 14.58 -8.23
N ARG A 239 -22.05 15.85 -7.83
CA ARG A 239 -21.20 16.84 -8.54
C ARG A 239 -21.46 17.06 -10.03
N LYS A 240 -22.55 16.54 -10.57
CA LYS A 240 -22.72 16.48 -12.02
C LYS A 240 -22.93 17.84 -12.67
N SER A 241 -22.83 17.91 -13.99
CA SER A 241 -22.87 19.20 -14.67
C SER A 241 -24.23 19.91 -14.75
N PHE A 242 -25.34 19.18 -14.62
CA PHE A 242 -26.65 19.88 -14.61
C PHE A 242 -26.79 20.75 -13.37
N ILE A 243 -26.11 20.34 -12.30
CA ILE A 243 -25.95 21.18 -11.14
C ILE A 243 -25.21 22.44 -11.57
N GLY A 244 -24.17 22.25 -12.37
CA GLY A 244 -23.32 23.35 -12.85
C GLY A 244 -24.12 24.30 -13.72
N HIS A 245 -24.98 23.76 -14.57
CA HIS A 245 -25.77 24.55 -15.50
C HIS A 245 -26.80 25.44 -14.80
N VAL A 246 -27.34 24.98 -13.68
CA VAL A 246 -28.32 25.73 -12.93
C VAL A 246 -27.62 26.81 -12.10
N LEU A 247 -26.63 26.38 -11.33
CA LEU A 247 -25.97 27.22 -10.36
C LEU A 247 -24.89 28.10 -10.96
N ASP A 248 -24.47 27.73 -12.17
CA ASP A 248 -23.29 28.27 -12.86
C ASP A 248 -22.03 28.25 -12.00
N LEU A 249 -21.52 27.04 -11.79
CA LEU A 249 -20.45 26.77 -10.84
C LEU A 249 -19.65 25.51 -11.24
N PRO A 250 -18.31 25.61 -11.27
CA PRO A 250 -17.58 24.44 -11.71
C PRO A 250 -17.61 23.32 -10.66
N VAL A 251 -17.07 22.16 -11.03
CA VAL A 251 -17.20 20.93 -10.25
C VAL A 251 -16.87 21.05 -8.76
N GLU A 252 -15.78 21.73 -8.40
CA GLU A 252 -15.38 21.81 -6.99
C GLU A 252 -16.28 22.70 -6.15
N GLU A 253 -17.28 23.34 -6.77
CA GLU A 253 -18.23 24.18 -6.04
C GLU A 253 -19.65 23.68 -6.22
N ARG A 254 -19.81 22.36 -6.25
CA ARG A 254 -21.12 21.75 -6.48
C ARG A 254 -21.63 20.91 -5.30
N LEU A 255 -21.11 21.19 -4.11
CA LEU A 255 -21.51 20.52 -2.89
C LEU A 255 -22.96 20.77 -2.44
N GLU A 256 -23.38 22.04 -2.43
CA GLU A 256 -24.74 22.42 -2.02
C GLU A 256 -25.78 21.92 -3.02
N GLY A 257 -25.59 22.24 -4.28
CA GLY A 257 -26.40 21.69 -5.35
C GLY A 257 -26.52 20.18 -5.30
N THR A 258 -25.41 19.50 -4.98
CA THR A 258 -25.48 18.04 -4.77
C THR A 258 -26.43 17.75 -3.62
N GLY A 259 -26.17 18.38 -2.48
CA GLY A 259 -27.04 18.27 -1.32
C GLY A 259 -28.48 18.24 -1.74
N ALA A 260 -28.92 19.32 -2.39
CA ALA A 260 -30.29 19.46 -2.87
C ALA A 260 -30.79 18.26 -3.67
N THR A 261 -30.04 17.83 -4.68
CA THR A 261 -30.44 16.63 -5.44
C THR A 261 -30.66 15.43 -4.51
N VAL A 262 -29.74 15.21 -3.57
CA VAL A 262 -29.82 14.07 -2.64
C VAL A 262 -31.08 14.15 -1.75
N CYS A 263 -31.37 15.34 -1.22
CA CYS A 263 -32.55 15.54 -0.37
C CYS A 263 -33.87 15.36 -1.11
N LEU A 264 -34.00 15.98 -2.28
CA LEU A 264 -35.21 15.79 -3.11
C LEU A 264 -35.36 14.33 -3.51
N GLY A 265 -34.25 13.69 -3.83
CA GLY A 265 -34.18 12.24 -4.09
C GLY A 265 -34.74 11.46 -2.94
N ILE A 266 -34.23 11.70 -1.75
CA ILE A 266 -34.59 10.85 -0.58
C ILE A 266 -36.07 10.97 -0.26
N GLU A 267 -36.60 12.18 -0.48
CA GLU A 267 -37.97 12.54 -0.20
C GLU A 267 -38.89 11.88 -1.20
N LYS A 268 -38.34 11.50 -2.34
CA LYS A 268 -39.14 10.93 -3.38
C LYS A 268 -39.02 9.43 -3.35
N GLY A 269 -38.31 8.93 -2.34
CA GLY A 269 -38.28 7.51 -2.02
C GLY A 269 -37.06 6.73 -2.44
N CYS A 270 -35.92 7.38 -2.56
CA CYS A 270 -34.71 6.62 -2.88
C CYS A 270 -34.12 5.85 -1.73
N GLU A 271 -33.52 4.74 -2.09
CA GLU A 271 -32.97 3.79 -1.12
C GLU A 271 -31.45 3.96 -0.97
N PHE A 272 -30.76 4.24 -2.07
CA PHE A 272 -29.34 4.54 -2.07
C PHE A 272 -29.07 5.89 -2.75
N VAL A 273 -27.96 6.54 -2.37
CA VAL A 273 -27.43 7.66 -3.13
C VAL A 273 -25.94 7.47 -3.34
N ARG A 274 -25.43 7.90 -4.49
CA ARG A 274 -24.05 7.64 -4.90
C ARG A 274 -23.31 8.97 -4.96
N VAL A 275 -22.53 9.24 -3.93
CA VAL A 275 -21.86 10.54 -3.81
C VAL A 275 -20.35 10.45 -3.52
N HIS A 276 -19.65 11.53 -3.90
CA HIS A 276 -18.24 11.74 -3.66
C HIS A 276 -18.01 12.27 -2.25
N ASP A 277 -18.74 13.31 -1.87
CA ASP A 277 -18.58 13.97 -0.58
C ASP A 277 -19.34 13.26 0.53
N VAL A 278 -18.85 12.07 0.89
CA VAL A 278 -19.49 11.19 1.88
C VAL A 278 -19.81 11.83 3.24
N LYS A 279 -18.82 12.38 3.95
CA LYS A 279 -19.12 13.11 5.21
C LYS A 279 -20.39 13.97 5.12
N GLU A 280 -20.37 14.96 4.24
CA GLU A 280 -21.46 15.94 4.13
C GLU A 280 -22.80 15.31 3.74
N MET A 281 -22.76 14.44 2.73
CA MET A 281 -23.98 13.85 2.24
C MET A 281 -24.62 12.88 3.22
N SER A 282 -23.81 12.35 4.14
CA SER A 282 -24.29 11.37 5.14
C SER A 282 -25.15 12.07 6.17
N ARG A 283 -24.65 13.23 6.60
CA ARG A 283 -25.38 14.10 7.53
C ARG A 283 -26.70 14.61 6.93
N MET A 284 -26.72 14.84 5.63
CA MET A 284 -27.95 15.30 5.03
C MET A 284 -28.95 14.17 4.91
N ALA A 285 -28.50 13.00 4.49
CA ALA A 285 -29.36 11.85 4.50
C ALA A 285 -29.94 11.64 5.91
N LYS A 286 -29.09 11.69 6.92
CA LYS A 286 -29.55 11.45 8.28
C LYS A 286 -30.64 12.45 8.71
N MET A 287 -30.52 13.73 8.35
CA MET A 287 -31.61 14.68 8.61
C MET A 287 -32.87 14.29 7.87
N MET A 288 -32.78 14.17 6.55
CA MET A 288 -33.94 13.81 5.74
C MET A 288 -34.64 12.61 6.37
N ASP A 289 -33.86 11.55 6.64
CA ASP A 289 -34.36 10.35 7.31
C ASP A 289 -35.14 10.67 8.57
N ALA A 290 -34.56 11.44 9.49
CA ALA A 290 -35.35 11.80 10.67
C ALA A 290 -36.65 12.44 10.23
N MET A 291 -36.57 13.40 9.30
CA MET A 291 -37.71 14.21 8.95
C MET A 291 -38.81 13.42 8.30
N ILE A 292 -38.50 12.66 7.25
CA ILE A 292 -39.54 11.99 6.50
C ILE A 292 -40.15 10.78 7.24
N GLY A 293 -39.53 10.35 8.33
CA GLY A 293 -40.05 9.20 9.10
C GLY A 293 -39.27 7.89 8.96
N LYS A 294 -38.23 7.88 8.13
CA LYS A 294 -37.49 6.66 7.83
C LYS A 294 -36.57 6.23 8.97
N LYS B 22 32.77 9.57 24.86
CA LYS B 22 33.73 8.66 24.15
C LYS B 22 33.81 8.91 22.64
N TRP B 23 32.69 8.97 21.93
CA TRP B 23 32.73 9.51 20.55
C TRP B 23 32.51 11.01 20.58
N ASP B 24 33.35 11.77 19.88
CA ASP B 24 33.22 13.22 19.94
C ASP B 24 32.44 13.80 18.76
N TYR B 25 31.62 12.95 18.15
CA TYR B 25 30.74 13.34 17.07
C TYR B 25 29.51 12.44 16.96
N ASP B 26 28.40 13.00 16.48
CA ASP B 26 27.18 12.26 16.12
C ASP B 26 27.32 11.82 14.68
N LEU B 27 26.50 10.87 14.28
CA LEU B 27 26.46 10.44 12.91
C LEU B 27 25.30 11.14 12.22
N ARG B 28 25.65 11.88 11.17
CA ARG B 28 24.73 12.79 10.52
C ARG B 28 24.14 12.11 9.29
N CYS B 29 22.80 11.93 9.31
CA CYS B 29 22.05 11.25 8.25
C CYS B 29 20.89 12.09 7.75
N GLY B 30 21.18 13.27 7.21
CA GLY B 30 20.13 14.16 6.73
C GLY B 30 19.30 14.67 7.90
N GLU B 31 17.99 14.54 7.81
CA GLU B 31 17.13 14.96 8.93
C GLU B 31 17.38 14.20 10.25
N TYR B 32 17.76 12.93 10.20
CA TYR B 32 18.05 12.18 11.44
C TYR B 32 19.51 12.25 11.85
N THR B 33 19.72 12.21 13.16
CA THR B 33 21.06 12.26 13.72
C THR B 33 21.19 11.09 14.64
N LEU B 34 22.29 10.33 14.50
CA LEU B 34 22.47 9.15 15.33
C LEU B 34 23.63 9.32 16.31
N ASN B 35 23.30 9.30 17.59
CA ASN B 35 24.24 9.46 18.67
C ASN B 35 24.92 8.13 19.05
N LEU B 36 26.25 8.16 19.11
CA LEU B 36 27.04 6.96 19.26
C LEU B 36 27.35 6.58 20.69
N ASN B 37 27.05 7.44 21.66
CA ASN B 37 27.45 7.17 23.03
C ASN B 37 26.29 6.69 23.92
N GLU B 38 25.08 7.14 23.60
CA GLU B 38 23.91 6.86 24.45
C GLU B 38 23.66 5.37 24.51
N LYS B 39 23.48 4.75 23.36
CA LYS B 39 23.09 3.35 23.36
C LYS B 39 23.61 2.59 22.18
N THR B 40 23.60 1.28 22.26
CA THR B 40 23.77 0.49 21.07
C THR B 40 22.62 0.71 20.10
N LEU B 41 22.96 1.06 18.86
CA LEU B 41 22.01 1.21 17.77
C LEU B 41 21.63 -0.10 17.06
N ILE B 42 20.34 -0.24 16.77
CA ILE B 42 19.82 -1.45 16.19
C ILE B 42 19.47 -1.17 14.74
N MET B 43 19.96 -2.03 13.84
CA MET B 43 19.56 -1.96 12.45
C MET B 43 18.71 -3.18 12.06
N GLY B 44 17.44 -2.91 11.80
CA GLY B 44 16.47 -3.96 11.58
C GLY B 44 16.50 -4.39 10.14
N ILE B 45 16.65 -5.70 9.93
CA ILE B 45 16.68 -6.25 8.59
C ILE B 45 15.30 -6.31 7.96
N LEU B 46 15.14 -5.57 6.87
CA LEU B 46 13.95 -5.67 6.05
C LEU B 46 14.11 -6.68 4.91
N ASN B 47 13.49 -7.84 5.13
CA ASN B 47 13.36 -8.92 4.17
C ASN B 47 12.59 -8.56 2.87
N VAL B 48 13.27 -8.67 1.73
CA VAL B 48 12.66 -8.33 0.43
C VAL B 48 11.74 -9.42 -0.15
N THR B 49 12.23 -10.66 -0.28
CA THR B 49 11.52 -11.75 -1.02
C THR B 49 11.02 -11.31 -2.46
N PRO B 50 10.03 -11.99 -3.07
CA PRO B 50 9.24 -13.18 -2.72
C PRO B 50 10.01 -14.50 -2.94
N ASP B 55 7.67 -8.66 -10.12
CA ASP B 55 8.77 -7.76 -10.46
C ASP B 55 9.25 -6.90 -9.29
N GLY B 56 8.29 -6.38 -8.54
CA GLY B 56 8.58 -5.34 -7.55
C GLY B 56 7.88 -4.09 -8.03
N GLY B 57 7.05 -3.52 -7.16
CA GLY B 57 6.16 -2.44 -7.50
C GLY B 57 4.78 -2.80 -6.99
N SER B 58 4.36 -4.04 -7.29
CA SER B 58 3.04 -4.55 -6.89
C SER B 58 2.68 -4.15 -5.46
N TYR B 59 1.40 -3.82 -5.28
CA TYR B 59 0.87 -3.33 -4.00
C TYR B 59 1.28 -4.20 -2.80
N ASN B 60 1.26 -5.54 -3.00
CA ASN B 60 1.52 -6.49 -1.91
C ASN B 60 2.95 -6.53 -1.42
N GLU B 61 3.89 -6.54 -2.37
CA GLU B 61 5.28 -6.50 -2.00
C GLU B 61 5.55 -5.23 -1.15
N VAL B 62 5.16 -4.06 -1.64
CA VAL B 62 5.54 -2.80 -0.97
C VAL B 62 4.72 -2.59 0.31
N ASP B 63 3.47 -3.03 0.30
CA ASP B 63 2.62 -2.94 1.48
C ASP B 63 3.24 -3.68 2.67
N ALA B 64 3.68 -4.91 2.41
CA ALA B 64 4.17 -5.81 3.45
C ALA B 64 5.45 -5.29 4.06
N ALA B 65 6.28 -4.67 3.23
CA ALA B 65 7.54 -4.11 3.68
C ALA B 65 7.30 -2.93 4.65
N VAL B 66 6.36 -2.07 4.29
CA VAL B 66 6.04 -0.89 5.09
C VAL B 66 5.54 -1.26 6.50
N ARG B 67 4.62 -2.22 6.59
CA ARG B 67 4.09 -2.69 7.87
C ARG B 67 5.15 -3.35 8.72
N HIS B 68 6.10 -4.02 8.07
CA HIS B 68 7.20 -4.68 8.75
C HIS B 68 8.12 -3.62 9.31
N ALA B 69 8.49 -2.66 8.46
CA ALA B 69 9.32 -1.54 8.87
C ALA B 69 8.65 -0.83 10.03
N LYS B 70 7.34 -0.61 9.91
CA LYS B 70 6.57 -0.02 10.98
C LYS B 70 6.71 -0.84 12.25
N GLU B 71 6.61 -2.15 12.10
CA GLU B 71 6.68 -3.03 13.26
C GLU B 71 8.06 -3.03 13.94
N MET B 72 9.14 -3.06 13.15
CA MET B 72 10.47 -2.94 13.72
C MET B 72 10.69 -1.59 14.40
N ARG B 73 10.23 -0.53 13.75
CA ARG B 73 10.29 0.81 14.34
C ARG B 73 9.64 0.76 15.71
N ASP B 74 8.45 0.19 15.78
CA ASP B 74 7.77 0.02 17.04
C ASP B 74 8.54 -0.84 18.07
N GLU B 75 9.24 -1.88 17.59
CA GLU B 75 9.92 -2.82 18.49
C GLU B 75 11.31 -2.34 19.02
N GLY B 76 11.76 -1.15 18.60
CA GLY B 76 12.98 -0.59 19.13
C GLY B 76 14.17 -0.37 18.18
N ALA B 77 13.90 -0.48 16.88
CA ALA B 77 14.93 -0.24 15.85
C ALA B 77 15.24 1.23 15.64
N HIS B 78 16.46 1.51 15.21
CA HIS B 78 16.96 2.86 14.94
C HIS B 78 17.34 3.08 13.47
N ILE B 79 17.64 2.00 12.77
CA ILE B 79 17.93 2.03 11.33
C ILE B 79 17.13 0.94 10.62
N ILE B 80 16.65 1.19 9.41
CA ILE B 80 16.07 0.16 8.55
C ILE B 80 17.02 -0.15 7.38
N ASP B 81 17.45 -1.40 7.26
CA ASP B 81 18.31 -1.85 6.17
C ASP B 81 17.48 -2.55 5.09
N ILE B 82 17.62 -2.15 3.82
CA ILE B 82 16.90 -2.81 2.73
C ILE B 82 17.84 -3.23 1.62
N GLY B 83 17.62 -4.43 1.06
CA GLY B 83 18.39 -4.86 -0.11
C GLY B 83 18.17 -6.30 -0.50
N GLY B 84 17.84 -6.54 -1.77
CA GLY B 84 17.59 -7.89 -2.28
C GLY B 84 18.82 -8.51 -2.90
N GLU B 85 19.23 -9.69 -2.40
CA GLU B 85 20.40 -10.45 -2.92
C GLU B 85 20.74 -11.71 -2.09
N SER B 86 22.01 -12.14 -2.20
CA SER B 86 22.62 -13.28 -1.46
C SER B 86 21.75 -14.53 -1.40
N SER B 95 20.95 -8.46 -11.01
CA SER B 95 20.79 -7.66 -12.22
C SER B 95 20.55 -6.18 -11.95
N VAL B 96 21.35 -5.34 -12.59
CA VAL B 96 21.33 -3.88 -12.39
C VAL B 96 19.98 -3.18 -12.63
N GLU B 97 19.42 -3.33 -13.83
CA GLU B 97 18.19 -2.64 -14.23
C GLU B 97 17.06 -2.84 -13.24
N GLU B 98 16.89 -4.09 -12.81
CA GLU B 98 15.76 -4.47 -11.97
C GLU B 98 15.96 -4.19 -10.48
N GLU B 99 17.18 -4.35 -9.97
CA GLU B 99 17.45 -4.06 -8.53
C GLU B 99 17.01 -2.64 -8.19
N ILE B 100 17.27 -1.71 -9.10
CA ILE B 100 16.75 -0.36 -9.00
C ILE B 100 15.21 -0.42 -8.99
N LYS B 101 14.63 -1.04 -10.02
CA LYS B 101 13.18 -1.16 -10.16
C LYS B 101 12.52 -1.88 -8.99
N ARG B 102 13.28 -2.73 -8.31
CA ARG B 102 12.79 -3.47 -7.16
C ARG B 102 12.89 -2.65 -5.88
N VAL B 103 14.06 -2.09 -5.62
CA VAL B 103 14.37 -1.49 -4.32
C VAL B 103 13.92 -0.02 -4.16
N VAL B 104 13.83 0.72 -5.26
CA VAL B 104 13.50 2.15 -5.20
C VAL B 104 12.06 2.43 -4.74
N PRO B 105 11.07 1.72 -5.30
CA PRO B 105 9.72 1.92 -4.77
C PRO B 105 9.70 1.68 -3.25
N MET B 106 10.48 0.70 -2.80
CA MET B 106 10.65 0.36 -1.40
C MET B 106 11.18 1.47 -0.48
N ILE B 107 12.29 2.11 -0.87
CA ILE B 107 12.84 3.26 -0.12
C ILE B 107 11.86 4.43 -0.06
N GLN B 108 11.20 4.73 -1.18
CA GLN B 108 10.28 5.86 -1.25
C GLN B 108 9.11 5.73 -0.27
N ALA B 109 8.63 4.51 -0.10
CA ALA B 109 7.49 4.27 0.77
C ALA B 109 7.90 4.30 2.25
N VAL B 110 8.96 3.56 2.60
CA VAL B 110 9.40 3.51 3.99
C VAL B 110 9.81 4.88 4.56
N SER B 111 10.48 5.70 3.75
CA SER B 111 10.88 7.05 4.15
C SER B 111 9.66 7.90 4.45
N LYS B 112 8.68 7.85 3.55
CA LYS B 112 7.47 8.64 3.70
C LYS B 112 6.70 8.26 4.97
N GLU B 113 6.71 6.99 5.32
CA GLU B 113 5.81 6.51 6.37
C GLU B 113 6.50 6.13 7.67
N VAL B 114 7.82 6.00 7.66
CA VAL B 114 8.56 5.61 8.86
C VAL B 114 9.72 6.58 9.11
N LYS B 115 9.50 7.55 9.99
CA LYS B 115 10.54 8.48 10.40
C LYS B 115 11.66 7.74 11.12
N LEU B 116 12.68 7.35 10.35
CA LEU B 116 13.80 6.52 10.82
C LEU B 116 14.81 6.44 9.67
N PRO B 117 16.12 6.60 9.94
CA PRO B 117 17.05 6.51 8.79
C PRO B 117 16.98 5.16 8.06
N ILE B 118 17.33 5.17 6.78
CA ILE B 118 17.28 3.98 5.94
C ILE B 118 18.64 3.82 5.30
N SER B 119 19.21 2.64 5.45
CA SER B 119 20.41 2.28 4.72
C SER B 119 20.04 1.41 3.55
N ILE B 120 20.82 1.52 2.47
CA ILE B 120 20.64 0.67 1.30
C ILE B 120 21.77 -0.36 1.16
N ASP B 121 21.42 -1.62 1.40
CA ASP B 121 22.31 -2.77 1.28
C ASP B 121 22.56 -3.11 -0.19
N THR B 122 23.46 -2.36 -0.83
CA THR B 122 23.96 -2.70 -2.15
C THR B 122 25.49 -2.73 -2.16
N TYR B 123 26.07 -2.95 -3.34
CA TYR B 123 27.52 -2.83 -3.53
C TYR B 123 27.82 -2.27 -4.91
N LYS B 124 26.76 -1.91 -5.62
CA LYS B 124 26.90 -1.40 -6.98
C LYS B 124 26.68 0.10 -6.98
N ALA B 125 27.51 0.82 -7.72
CA ALA B 125 27.49 2.29 -7.72
C ALA B 125 26.10 2.87 -8.06
N GLU B 126 25.57 2.46 -9.20
CA GLU B 126 24.29 2.98 -9.68
C GLU B 126 23.16 2.74 -8.68
N VAL B 127 23.15 1.55 -8.08
CA VAL B 127 22.07 1.16 -7.20
C VAL B 127 21.96 2.10 -6.01
N ALA B 128 23.12 2.54 -5.51
CA ALA B 128 23.19 3.45 -4.39
C ALA B 128 22.74 4.89 -4.74
N LYS B 129 23.20 5.40 -5.88
CA LYS B 129 22.82 6.74 -6.30
C LYS B 129 21.28 6.87 -6.27
N GLN B 130 20.58 5.99 -7.00
CA GLN B 130 19.11 6.03 -7.11
C GLN B 130 18.47 6.06 -5.73
N ALA B 131 18.93 5.15 -4.88
CA ALA B 131 18.39 4.89 -3.56
C ALA B 131 18.48 6.09 -2.62
N ILE B 132 19.59 6.83 -2.68
CA ILE B 132 19.75 8.02 -1.83
C ILE B 132 18.85 9.16 -2.29
N GLU B 133 18.71 9.32 -3.61
CA GLU B 133 17.70 10.22 -4.15
C GLU B 133 16.29 9.66 -4.05
N ALA B 134 16.17 8.33 -3.93
CA ALA B 134 14.90 7.71 -3.60
C ALA B 134 14.54 7.97 -2.14
N GLY B 135 15.54 8.26 -1.32
CA GLY B 135 15.31 8.61 0.09
C GLY B 135 16.27 7.99 1.10
N ALA B 136 17.22 7.18 0.63
CA ALA B 136 18.13 6.44 1.51
C ALA B 136 19.19 7.35 2.14
N HIS B 137 19.71 6.93 3.29
CA HIS B 137 20.56 7.80 4.12
C HIS B 137 21.97 7.27 4.33
N ILE B 138 22.14 5.95 4.24
CA ILE B 138 23.38 5.26 4.59
C ILE B 138 23.64 4.22 3.51
N ILE B 139 24.86 4.14 3.00
CA ILE B 139 25.18 3.05 2.10
C ILE B 139 25.72 1.88 2.92
N ASN B 140 25.37 0.67 2.49
CA ASN B 140 25.82 -0.54 3.18
C ASN B 140 26.44 -1.56 2.22
N ASP B 141 27.76 -1.49 2.09
CA ASP B 141 28.51 -2.23 1.08
C ASP B 141 29.20 -3.42 1.70
N ILE B 142 28.83 -4.62 1.20
CA ILE B 142 29.37 -5.87 1.70
C ILE B 142 30.66 -6.25 0.98
N TRP B 143 31.13 -5.37 0.09
CA TRP B 143 32.43 -5.56 -0.52
C TRP B 143 33.33 -4.39 -0.20
N GLY B 144 32.83 -3.49 0.64
CA GLY B 144 33.62 -2.42 1.24
C GLY B 144 34.35 -1.54 0.25
N ALA B 145 33.70 -1.25 -0.88
CA ALA B 145 34.25 -0.44 -1.97
C ALA B 145 35.20 -1.20 -2.88
N LYS B 146 35.36 -2.50 -2.65
CA LYS B 146 36.27 -3.28 -3.49
C LYS B 146 35.55 -3.85 -4.71
N ALA B 147 34.26 -4.11 -4.56
CA ALA B 147 33.42 -4.65 -5.62
C ALA B 147 33.25 -3.65 -6.76
N GLU B 148 32.81 -2.45 -6.43
CA GLU B 148 32.62 -1.39 -7.41
C GLU B 148 33.12 -0.07 -6.86
N PRO B 149 34.42 0.22 -7.05
CA PRO B 149 35.08 1.36 -6.41
C PRO B 149 34.28 2.65 -6.50
N LYS B 150 33.76 2.94 -7.69
CA LYS B 150 32.97 4.15 -7.95
C LYS B 150 31.85 4.41 -6.93
N ILE B 151 31.59 3.45 -6.04
CA ILE B 151 30.58 3.61 -5.00
C ILE B 151 30.94 4.70 -4.00
N ALA B 152 32.22 4.79 -3.65
CA ALA B 152 32.71 5.76 -2.68
C ALA B 152 32.56 7.21 -3.17
N GLU B 153 32.67 7.41 -4.48
CA GLU B 153 32.40 8.72 -5.08
C GLU B 153 30.97 9.15 -4.83
N VAL B 154 30.07 8.19 -4.66
CA VAL B 154 28.68 8.49 -4.34
C VAL B 154 28.56 8.89 -2.87
N ALA B 155 29.07 8.06 -1.98
CA ALA B 155 29.11 8.39 -0.56
C ALA B 155 29.61 9.82 -0.37
N ALA B 156 30.79 10.11 -0.91
CA ALA B 156 31.42 11.41 -0.79
C ALA B 156 30.55 12.49 -1.40
N HIS B 157 29.96 12.18 -2.57
CA HIS B 157 29.13 13.11 -3.33
C HIS B 157 27.85 13.45 -2.58
N TYR B 158 27.22 12.45 -2.01
CA TYR B 158 26.00 12.64 -1.26
C TYR B 158 26.24 12.84 0.24
N ASP B 159 27.51 12.92 0.65
CA ASP B 159 27.86 13.22 2.04
C ASP B 159 27.19 12.30 3.06
N VAL B 160 26.79 11.11 2.61
CA VAL B 160 26.12 10.16 3.48
C VAL B 160 27.15 9.30 4.17
N PRO B 161 26.75 8.65 5.28
CA PRO B 161 27.62 7.64 5.94
C PRO B 161 27.67 6.40 5.11
N ILE B 162 28.60 5.50 5.38
CA ILE B 162 28.79 4.30 4.56
C ILE B 162 29.46 3.23 5.39
N ILE B 163 28.91 2.02 5.33
CA ILE B 163 29.46 0.87 6.04
C ILE B 163 30.37 0.14 5.08
N LEU B 164 31.58 -0.19 5.53
CA LEU B 164 32.54 -0.97 4.75
C LEU B 164 32.80 -2.29 5.43
N MET B 165 32.40 -3.38 4.79
CA MET B 165 32.36 -4.68 5.45
C MET B 165 33.55 -5.48 5.00
N HIS B 166 34.07 -6.33 5.88
CA HIS B 166 35.15 -7.22 5.48
C HIS B 166 34.62 -8.30 4.58
N ASN B 167 35.21 -8.36 3.39
CA ASN B 167 34.97 -9.45 2.46
C ASN B 167 36.23 -9.70 1.63
N ARG B 168 36.31 -10.89 1.04
CA ARG B 168 37.41 -11.30 0.13
C ARG B 168 37.00 -12.57 -0.60
N ASP B 169 37.69 -12.89 -1.69
CA ASP B 169 37.32 -13.98 -2.58
C ASP B 169 37.67 -15.37 -2.08
N ASN B 170 38.54 -15.45 -1.09
CA ASN B 170 39.14 -16.73 -0.66
C ASN B 170 39.07 -16.88 0.86
N MET B 171 39.34 -18.07 1.38
CA MET B 171 39.30 -18.30 2.85
C MET B 171 40.64 -18.74 3.47
N ASN B 172 41.74 -18.30 2.85
CA ASN B 172 43.08 -18.63 3.34
C ASN B 172 43.73 -17.41 4.01
N TYR B 173 43.63 -17.34 5.33
CA TYR B 173 44.21 -16.26 6.09
C TYR B 173 45.54 -16.70 6.68
N ARG B 174 46.54 -15.80 6.73
CA ARG B 174 47.79 -16.10 7.42
C ARG B 174 47.63 -15.91 8.92
N ASN B 175 46.86 -14.90 9.30
CA ASN B 175 46.47 -14.64 10.68
C ASN B 175 45.16 -13.86 10.57
N LEU B 176 44.05 -14.52 10.92
CA LEU B 176 42.70 -13.97 10.66
C LEU B 176 42.58 -12.47 10.96
N MET B 177 42.58 -12.10 12.25
CA MET B 177 42.37 -10.70 12.63
C MET B 177 43.32 -9.72 11.94
N ALA B 178 44.60 -10.10 11.84
CA ALA B 178 45.59 -9.24 11.23
C ALA B 178 45.22 -9.04 9.78
N ASP B 179 44.92 -10.13 9.07
CA ASP B 179 44.48 -10.04 7.67
C ASP B 179 43.16 -9.29 7.51
N MET B 180 42.24 -9.46 8.46
CA MET B 180 40.95 -8.76 8.38
C MET B 180 41.15 -7.25 8.44
N ILE B 181 41.99 -6.82 9.37
CA ILE B 181 42.25 -5.39 9.57
C ILE B 181 43.01 -4.82 8.40
N ALA B 182 44.01 -5.56 7.91
CA ALA B 182 44.66 -5.23 6.65
C ALA B 182 43.61 -4.93 5.55
N ASP B 183 42.62 -5.83 5.41
CA ASP B 183 41.65 -5.74 4.34
C ASP B 183 40.75 -4.55 4.54
N LEU B 184 40.36 -4.33 5.79
CA LEU B 184 39.52 -3.22 6.12
C LEU B 184 40.25 -1.89 5.87
N TYR B 185 41.56 -1.84 6.12
CA TYR B 185 42.32 -0.63 5.80
CA TYR B 185 42.29 -0.61 5.80
C TYR B 185 42.32 -0.39 4.29
N ASP B 186 42.52 -1.47 3.52
CA ASP B 186 42.46 -1.38 2.05
C ASP B 186 41.15 -0.69 1.64
N SER B 187 40.06 -1.00 2.36
CA SER B 187 38.75 -0.38 2.11
C SER B 187 38.74 1.11 2.50
N ILE B 188 39.12 1.41 3.74
CA ILE B 188 39.21 2.79 4.23
C ILE B 188 40.04 3.65 3.30
N LYS B 189 41.15 3.09 2.82
CA LYS B 189 42.00 3.78 1.86
C LYS B 189 41.18 4.20 0.64
N ILE B 190 40.39 3.27 0.09
CA ILE B 190 39.68 3.53 -1.17
C ILE B 190 38.64 4.64 -1.01
N ALA B 191 37.95 4.62 0.13
CA ALA B 191 36.88 5.57 0.40
C ALA B 191 37.42 6.97 0.61
N LYS B 192 38.37 7.12 1.54
CA LYS B 192 38.95 8.43 1.85
C LYS B 192 39.48 9.09 0.61
N ASP B 193 40.20 8.31 -0.19
CA ASP B 193 40.75 8.72 -1.47
C ASP B 193 39.69 9.27 -2.42
N ALA B 194 38.46 8.78 -2.30
CA ALA B 194 37.34 9.27 -3.09
C ALA B 194 36.72 10.55 -2.52
N GLY B 195 36.96 10.84 -1.25
CA GLY B 195 36.53 12.11 -0.63
C GLY B 195 35.70 11.97 0.64
N VAL B 196 35.51 10.73 1.10
CA VAL B 196 34.70 10.40 2.28
C VAL B 196 35.38 10.87 3.56
N ARG B 197 34.68 11.68 4.35
CA ARG B 197 35.24 12.17 5.61
C ARG B 197 35.32 11.03 6.62
N ASP B 198 36.26 11.11 7.55
CA ASP B 198 36.42 10.07 8.55
C ASP B 198 35.12 9.83 9.31
N GLU B 199 34.42 10.90 9.63
CA GLU B 199 33.19 10.79 10.40
C GLU B 199 32.08 10.07 9.63
N ASN B 200 32.37 9.68 8.38
CA ASN B 200 31.37 8.95 7.59
C ASN B 200 31.67 7.48 7.38
N ILE B 201 32.61 6.95 8.14
CA ILE B 201 32.98 5.55 7.95
C ILE B 201 32.51 4.68 9.10
N ILE B 202 31.89 3.56 8.72
CA ILE B 202 31.64 2.50 9.67
C ILE B 202 32.25 1.19 9.14
N LEU B 203 32.84 0.42 10.04
CA LEU B 203 33.43 -0.85 9.68
C LEU B 203 32.55 -1.99 10.18
N ASP B 204 32.70 -3.16 9.53
CA ASP B 204 31.97 -4.37 9.85
C ASP B 204 32.88 -5.52 9.53
N PRO B 205 33.03 -6.48 10.47
CA PRO B 205 33.90 -7.63 10.32
C PRO B 205 33.39 -8.71 9.33
N GLY B 206 32.16 -8.57 8.85
CA GLY B 206 31.64 -9.49 7.87
C GLY B 206 31.54 -10.92 8.35
N ILE B 207 30.94 -11.12 9.51
CA ILE B 207 30.60 -12.46 10.01
C ILE B 207 29.78 -13.27 8.99
N GLY B 208 30.25 -14.46 8.66
CA GLY B 208 29.61 -15.32 7.69
C GLY B 208 30.10 -15.13 6.26
N PHE B 209 30.95 -14.13 6.04
CA PHE B 209 31.48 -13.86 4.71
C PHE B 209 32.92 -14.29 4.67
N ALA B 210 33.26 -14.99 3.60
CA ALA B 210 34.63 -15.51 3.38
C ALA B 210 35.31 -16.14 4.60
N LYS B 211 34.52 -16.74 5.48
CA LYS B 211 35.02 -17.38 6.72
C LYS B 211 34.48 -18.82 6.98
N THR B 212 35.37 -19.75 7.34
CA THR B 212 34.91 -21.06 7.86
C THR B 212 34.15 -20.84 9.17
N PRO B 213 33.22 -21.74 9.51
CA PRO B 213 32.50 -21.64 10.77
C PRO B 213 33.39 -21.29 11.97
N GLU B 214 34.54 -21.96 12.07
CA GLU B 214 35.44 -21.79 13.19
C GLU B 214 36.19 -20.44 13.14
N GLN B 215 36.24 -19.84 11.96
CA GLN B 215 36.87 -18.54 11.83
C GLN B 215 35.94 -17.46 12.35
N ASN B 216 34.64 -17.64 12.06
CA ASN B 216 33.60 -16.74 12.55
C ASN B 216 33.60 -16.76 14.07
N LEU B 217 33.82 -17.93 14.65
CA LEU B 217 34.01 -18.03 16.09
C LEU B 217 35.20 -17.15 16.54
N GLU B 218 36.33 -17.30 15.85
CA GLU B 218 37.54 -16.55 16.18
C GLU B 218 37.37 -15.05 16.07
N ALA B 219 36.64 -14.59 15.06
CA ALA B 219 36.50 -13.17 14.85
C ALA B 219 35.65 -12.62 15.99
N MET B 220 34.55 -13.30 16.28
CA MET B 220 33.77 -12.97 17.44
C MET B 220 34.64 -12.84 18.69
N ARG B 221 35.58 -13.75 18.87
CA ARG B 221 36.40 -13.78 20.06
C ARG B 221 37.38 -12.60 20.12
N ASN B 222 37.84 -12.15 18.95
CA ASN B 222 38.86 -11.12 18.90
C ASN B 222 38.34 -9.86 18.28
N LEU B 223 37.04 -9.64 18.45
CA LEU B 223 36.34 -8.55 17.79
C LEU B 223 36.82 -7.19 18.19
N GLU B 224 37.14 -7.04 19.46
CA GLU B 224 37.61 -5.76 20.01
C GLU B 224 38.90 -5.28 19.33
N GLN B 225 39.61 -6.18 18.64
CA GLN B 225 40.82 -5.77 17.92
C GLN B 225 40.47 -4.75 16.84
N LEU B 226 39.23 -4.78 16.38
CA LEU B 226 38.81 -3.91 15.31
C LEU B 226 38.73 -2.46 15.80
N ASN B 227 38.67 -2.26 17.11
CA ASN B 227 38.55 -0.90 17.64
C ASN B 227 39.78 -0.05 17.45
N VAL B 228 40.93 -0.66 17.19
CA VAL B 228 42.14 0.16 17.05
C VAL B 228 42.15 1.04 15.82
N LEU B 229 41.29 0.77 14.85
CA LEU B 229 41.26 1.63 13.67
C LEU B 229 40.56 2.99 13.94
N GLY B 230 39.80 3.08 15.03
CA GLY B 230 39.15 4.32 15.45
C GLY B 230 37.83 4.64 14.76
N TYR B 231 37.13 3.63 14.24
CA TYR B 231 35.84 3.86 13.61
C TYR B 231 34.79 2.99 14.28
N PRO B 232 33.55 3.47 14.23
CA PRO B 232 32.37 2.71 14.63
C PRO B 232 32.35 1.34 13.93
N VAL B 233 32.01 0.30 14.68
CA VAL B 233 31.84 -1.04 14.13
C VAL B 233 30.36 -1.47 14.16
N LEU B 234 29.94 -2.17 13.12
CA LEU B 234 28.61 -2.73 13.05
C LEU B 234 28.74 -4.22 12.91
N LEU B 235 27.87 -4.95 13.59
CA LEU B 235 28.01 -6.40 13.64
C LEU B 235 26.80 -7.09 13.05
N GLY B 236 27.04 -8.01 12.11
CA GLY B 236 25.98 -8.77 11.46
C GLY B 236 26.00 -10.26 11.72
N THR B 237 25.37 -10.68 12.80
CA THR B 237 25.36 -12.11 13.11
C THR B 237 24.01 -12.74 12.97
N SER B 238 22.97 -11.93 12.80
CA SER B 238 21.58 -12.40 12.93
C SER B 238 21.32 -13.66 12.14
N ARG B 239 21.02 -14.73 12.86
CA ARG B 239 20.54 -16.03 12.31
C ARG B 239 21.51 -16.83 11.40
N LYS B 240 22.76 -16.40 11.32
CA LYS B 240 23.70 -16.97 10.37
C LYS B 240 24.07 -18.46 10.57
N SER B 241 24.49 -19.13 9.51
CA SER B 241 24.75 -20.57 9.60
C SER B 241 25.83 -20.97 10.64
N PHE B 242 26.62 -20.01 11.13
CA PHE B 242 27.65 -20.38 12.10
C PHE B 242 27.05 -20.59 13.48
N ILE B 243 25.90 -19.98 13.71
CA ILE B 243 25.14 -20.21 14.93
C ILE B 243 24.52 -21.61 14.86
N GLY B 244 24.18 -21.99 13.63
CA GLY B 244 23.62 -23.30 13.33
C GLY B 244 24.63 -24.39 13.63
N HIS B 245 25.87 -24.21 13.16
CA HIS B 245 26.90 -25.23 13.29
C HIS B 245 27.23 -25.51 14.74
N VAL B 246 27.14 -24.48 15.58
CA VAL B 246 27.46 -24.67 16.98
C VAL B 246 26.30 -25.28 17.71
N LEU B 247 25.12 -24.67 17.59
CA LEU B 247 23.95 -25.10 18.37
C LEU B 247 23.26 -26.34 17.81
N ASP B 248 23.62 -26.71 16.57
CA ASP B 248 22.94 -27.75 15.77
C ASP B 248 21.45 -27.53 15.63
N LEU B 249 21.05 -26.37 15.10
CA LEU B 249 19.65 -25.93 14.99
C LEU B 249 19.34 -25.10 13.72
N PRO B 250 18.16 -25.29 13.10
CA PRO B 250 17.88 -24.54 11.87
C PRO B 250 17.67 -23.01 12.07
N VAL B 251 17.57 -22.28 10.96
CA VAL B 251 17.48 -20.82 10.98
C VAL B 251 16.38 -20.21 11.88
N GLU B 252 15.20 -20.81 11.90
CA GLU B 252 14.11 -20.22 12.67
C GLU B 252 14.19 -20.54 14.17
N GLU B 253 15.23 -21.29 14.58
CA GLU B 253 15.50 -21.57 15.99
C GLU B 253 16.86 -21.01 16.46
N ARG B 254 17.24 -19.82 16.03
CA ARG B 254 18.56 -19.24 16.37
C ARG B 254 18.45 -17.84 17.02
N LEU B 255 17.29 -17.55 17.61
CA LEU B 255 17.12 -16.35 18.39
C LEU B 255 18.13 -16.29 19.53
N GLU B 256 18.26 -17.37 20.31
CA GLU B 256 19.15 -17.38 21.48
C GLU B 256 20.61 -17.28 21.11
N GLY B 257 21.05 -18.06 20.13
CA GLY B 257 22.42 -18.05 19.68
C GLY B 257 22.78 -16.69 19.11
N THR B 258 21.81 -16.07 18.42
CA THR B 258 21.96 -14.68 17.91
C THR B 258 22.22 -13.75 19.05
N GLY B 259 21.41 -13.88 20.09
CA GLY B 259 21.46 -13.02 21.26
C GLY B 259 22.82 -13.03 21.88
N ALA B 260 23.42 -14.22 21.96
CA ALA B 260 24.74 -14.37 22.54
C ALA B 260 25.81 -13.60 21.78
N THR B 261 25.72 -13.61 20.46
CA THR B 261 26.70 -12.95 19.62
C THR B 261 26.49 -11.44 19.76
N VAL B 262 25.24 -11.03 19.79
CA VAL B 262 24.95 -9.63 19.97
C VAL B 262 25.49 -9.15 21.31
N CYS B 263 25.43 -9.98 22.33
CA CYS B 263 25.87 -9.55 23.65
C CYS B 263 27.37 -9.41 23.72
N LEU B 264 28.06 -10.42 23.18
CA LEU B 264 29.52 -10.43 23.16
C LEU B 264 30.07 -9.27 22.33
N GLY B 265 29.36 -8.91 21.26
CA GLY B 265 29.80 -7.85 20.36
C GLY B 265 29.68 -6.48 21.00
N ILE B 266 28.59 -6.28 21.73
CA ILE B 266 28.41 -5.04 22.46
C ILE B 266 29.47 -4.93 23.59
N GLU B 267 29.89 -6.08 24.13
CA GLU B 267 30.87 -6.10 25.19
C GLU B 267 32.25 -5.82 24.62
N LYS B 268 32.41 -6.06 23.33
CA LYS B 268 33.67 -5.75 22.70
C LYS B 268 33.68 -4.35 22.05
N GLY B 269 32.58 -3.60 22.16
CA GLY B 269 32.52 -2.21 21.77
C GLY B 269 31.97 -1.89 20.41
N CYS B 270 31.08 -2.72 19.91
CA CYS B 270 30.33 -2.38 18.70
C CYS B 270 29.37 -1.28 18.98
N GLU B 271 28.99 -0.56 17.94
CA GLU B 271 28.02 0.49 18.09
C GLU B 271 26.70 0.24 17.35
N PHE B 272 26.70 -0.74 16.44
CA PHE B 272 25.50 -1.14 15.71
C PHE B 272 25.47 -2.64 15.64
N VAL B 273 24.28 -3.22 15.59
CA VAL B 273 24.11 -4.63 15.33
C VAL B 273 22.95 -4.77 14.33
N ARG B 274 23.05 -5.75 13.45
CA ARG B 274 22.15 -5.88 12.33
C ARG B 274 21.32 -7.13 12.51
N VAL B 275 20.05 -6.97 12.84
CA VAL B 275 19.26 -8.10 13.32
C VAL B 275 17.88 -8.19 12.70
N HIS B 276 17.33 -9.39 12.72
CA HIS B 276 15.98 -9.66 12.26
C HIS B 276 14.98 -9.55 13.40
N ASP B 277 15.39 -9.96 14.60
CA ASP B 277 14.52 -10.08 15.75
C ASP B 277 14.61 -8.83 16.63
N VAL B 278 14.08 -7.71 16.12
CA VAL B 278 14.19 -6.42 16.76
C VAL B 278 13.73 -6.37 18.22
N LYS B 279 12.47 -6.73 18.52
CA LYS B 279 12.01 -6.73 19.91
C LYS B 279 12.99 -7.42 20.88
N GLU B 280 13.34 -8.67 20.58
CA GLU B 280 14.22 -9.44 21.44
C GLU B 280 15.63 -8.83 21.57
N MET B 281 16.20 -8.41 20.45
CA MET B 281 17.57 -7.90 20.48
C MET B 281 17.69 -6.50 21.09
N SER B 282 16.62 -5.69 20.97
CA SER B 282 16.61 -4.35 21.56
C SER B 282 16.67 -4.45 23.06
N ARG B 283 15.80 -5.30 23.59
CA ARG B 283 15.79 -5.66 25.01
C ARG B 283 17.19 -6.08 25.48
N MET B 284 17.84 -6.98 24.77
CA MET B 284 19.12 -7.47 25.20
C MET B 284 20.19 -6.40 25.13
N ALA B 285 20.22 -5.73 24.00
CA ALA B 285 21.12 -4.62 23.79
C ALA B 285 20.98 -3.54 24.87
N LYS B 286 19.75 -3.29 25.34
CA LYS B 286 19.57 -2.33 26.44
C LYS B 286 20.21 -2.87 27.71
N MET B 287 19.77 -4.02 28.18
CA MET B 287 20.43 -4.70 29.31
C MET B 287 21.98 -4.72 29.28
N MET B 288 22.57 -4.96 28.11
CA MET B 288 24.02 -4.87 27.99
C MET B 288 24.54 -3.50 28.34
N ASP B 289 23.88 -2.45 27.82
CA ASP B 289 24.36 -1.10 28.03
C ASP B 289 24.30 -0.75 29.50
N ALA B 290 23.27 -1.20 30.21
CA ALA B 290 23.20 -0.88 31.62
C ALA B 290 24.44 -1.43 32.31
N MET B 291 24.86 -2.60 31.85
CA MET B 291 25.87 -3.34 32.57
C MET B 291 27.24 -2.80 32.22
N ILE B 292 27.50 -2.51 30.96
CA ILE B 292 28.85 -2.09 30.57
C ILE B 292 29.12 -0.59 30.78
N GLY B 293 28.07 0.19 31.03
CA GLY B 293 28.21 1.63 31.31
C GLY B 293 27.85 2.56 30.15
N LYS B 294 27.49 1.97 29.01
CA LYS B 294 27.11 2.74 27.80
C LYS B 294 25.71 3.38 27.92
N1 XHP C . -23.58 4.52 -11.77
C2 XHP C . -24.76 4.58 -11.32
N2 XHP C . -25.34 3.48 -10.91
N3 XHP C . -25.45 5.75 -11.23
C4 XHP C . -24.93 6.93 -11.61
O4 XHP C . -25.57 7.98 -11.51
N5 XHP C . -22.99 8.04 -12.52
C6 XHP C . -21.65 8.02 -13.07
C7 XHP C . -20.96 6.70 -13.23
N8 XHP C . -21.67 5.52 -12.72
C9 XHP C . -22.85 5.69 -12.25
C10 XHP C . -23.56 6.96 -12.15
C6A XHP C . -21.06 9.17 -13.43
C1' PHB D . -22.15 15.50 -15.71
O1' PHB D . -23.29 15.85 -16.11
O2' PHB D . -21.38 16.31 -15.16
C1 PHB D . -21.69 14.09 -15.88
C2 PHB D . -20.47 13.68 -15.33
C3 PHB D . -20.05 12.36 -15.49
C4 PHB D . -20.84 11.46 -16.21
C5 PHB D . -22.05 11.87 -16.76
C6 PHB D . -22.47 13.19 -16.60
O4 PHB D . -20.43 10.18 -16.38
S SO4 E . -8.16 0.89 10.00
O1 SO4 E . -9.56 0.48 10.10
O2 SO4 E . -8.02 2.25 10.50
O3 SO4 E . -7.38 -0.05 10.79
O4 SO4 E . -7.72 0.82 8.62
S SO4 F . -17.75 9.77 -11.24
O1 SO4 F . -17.23 8.65 -12.02
O2 SO4 F . -19.08 9.48 -10.74
O3 SO4 F . -16.87 10.02 -10.12
O4 SO4 F . -17.81 10.96 -12.09
S SO4 G . -12.02 15.02 -4.02
O1 SO4 G . -12.16 15.03 -5.47
O2 SO4 G . -12.62 16.22 -3.45
O3 SO4 G . -12.68 13.82 -3.48
O4 SO4 G . -10.61 14.99 -3.67
N1 XHP H . 25.51 -6.29 5.81
C2 XHP H . 26.25 -5.98 6.79
N2 XHP H . 26.62 -4.74 6.96
N3 XHP H . 26.67 -6.92 7.70
C4 XHP H . 26.34 -8.21 7.61
O4 XHP H . 26.73 -9.02 8.45
N5 XHP H . 25.10 -9.86 6.39
C6 XHP H . 24.28 -10.27 5.28
C7 XHP H . 23.89 -9.24 4.25
N8 XHP H . 24.33 -7.87 4.53
C9 XHP H . 25.05 -7.64 5.55
C10 XHP H . 25.47 -8.66 6.51
C6A XHP H . 23.88 -11.55 5.17
C1' PHB I . 25.18 -17.40 6.86
O1' PHB I . 26.27 -17.62 7.43
O2' PHB I . 24.14 -18.00 7.19
C1 PHB I . 25.10 -16.39 5.74
C2 PHB I . 23.89 -16.16 5.08
C3 PHB I . 23.82 -15.24 4.04
C4 PHB I . 24.94 -14.54 3.64
C5 PHB I . 26.17 -14.76 4.30
C6 PHB I . 26.24 -15.69 5.34
O4 PHB I . 24.87 -13.63 2.62
S SO4 J . 19.91 -11.58 5.59
O1 SO4 J . 20.31 -12.79 4.87
O2 SO4 J . 18.63 -11.79 6.25
O3 SO4 J . 20.89 -11.25 6.61
O4 SO4 J . 19.80 -10.50 4.62
S SO4 K . 1.72 4.68 11.55
O1 SO4 K . 2.15 3.30 11.71
O2 SO4 K . 0.45 4.68 10.83
O3 SO4 K . 1.56 5.27 12.87
O4 SO4 K . 2.70 5.43 10.78
S SO4 L . 42.33 -17.13 20.04
O1 SO4 L . 41.82 -18.35 19.41
O2 SO4 L . 41.23 -16.37 20.60
O3 SO4 L . 43.25 -17.49 21.12
O4 SO4 L . 43.00 -16.33 19.03
S SO4 M . 21.68 -22.55 6.99
O1 SO4 M . 20.26 -22.78 6.74
O2 SO4 M . 21.80 -21.47 7.96
O3 SO4 M . 22.28 -23.77 7.50
O4 SO4 M . 22.35 -22.16 5.74
S SO4 N . 10.54 -13.54 11.06
O1 SO4 N . 10.93 -13.76 9.67
O2 SO4 N . 9.09 -13.56 11.21
O3 SO4 N . 11.08 -14.59 11.91
O4 SO4 N . 11.05 -12.23 11.49
#